data_6QRD
#
_entry.id   6QRD
#
_cell.length_a   74.532
_cell.length_b   76.876
_cell.length_c   86.787
_cell.angle_alpha   90.000
_cell.angle_beta   90.000
_cell.angle_gamma   90.000
#
_symmetry.space_group_name_H-M   'P 21 21 21'
#
loop_
_entity.id
_entity.type
_entity.pdbx_description
1 polymer 'tRNA (guanine-N(1)-)-methyltransferase'
2 non-polymer 'SULFATE ION'
3 non-polymer 5-azanyl-3-[1-[[4-[(4-propan-2-ylpiperazin-1-yl)methyl]phenyl]methyl]indol-6-yl]-1~{H}-pyrazole-4-carbonitrile
4 water water
#
_entity_poly.entity_id   1
_entity_poly.type   'polypeptide(L)'
_entity_poly.pdbx_seq_one_letter_code
;GSMKIDVVTIFPEYLQPVRQSLPGKAIDAGLVDVAVHDLRRWTHDVHKSVDDSPYGGGPGMVMKPTVWGDALDEICTSET
LLVVPTPAGYPFTQETAWQWSTEDHLVIACGRYEGIDQRVADDAATRMRVREVSIGDYVLNGGEAAALVIIEAVLRLVPG
VLGNALSAQEDSHSEGMASLLEGPSYTRPPSWRGMDVPPVLLSGDHAKIAAWRAEQSRQRTIERRPDLLGFDSPTGEHGG
DGLS
;
_entity_poly.pdbx_strand_id   A,B
#
loop_
_chem_comp.id
_chem_comp.type
_chem_comp.name
_chem_comp.formula
JEH non-polymer 5-azanyl-3-[1-[[4-[(4-propan-2-ylpiperazin-1-yl)methyl]phenyl]methyl]indol-6-yl]-1~{H}-pyrazole-4-carbonitrile 'C27 H31 N7'
SO4 non-polymer 'SULFATE ION' 'O4 S -2'
#
# COMPACT_ATOMS: atom_id res chain seq x y z
N SER A 2 6.29 -20.94 -8.48
CA SER A 2 7.69 -20.55 -8.60
C SER A 2 7.83 -19.18 -9.27
N MET A 3 8.04 -18.15 -8.45
CA MET A 3 8.08 -16.79 -8.98
C MET A 3 9.39 -16.07 -8.67
N LYS A 4 9.90 -15.37 -9.67
CA LYS A 4 11.01 -14.44 -9.49
C LYS A 4 10.48 -13.03 -9.52
N ILE A 5 10.83 -12.22 -8.53
CA ILE A 5 10.51 -10.80 -8.55
C ILE A 5 11.79 -9.98 -8.53
N ASP A 6 11.97 -9.14 -9.55
CA ASP A 6 13.04 -8.16 -9.55
C ASP A 6 12.45 -6.78 -9.28
N VAL A 7 13.06 -6.05 -8.36
CA VAL A 7 12.61 -4.69 -8.08
C VAL A 7 13.74 -3.73 -8.42
N VAL A 8 13.43 -2.67 -9.17
CA VAL A 8 14.44 -1.68 -9.53
C VAL A 8 14.09 -0.33 -8.90
N THR A 9 15.04 0.28 -8.20
CA THR A 9 14.74 1.41 -7.36
C THR A 9 16.03 2.17 -7.06
N ILE A 10 15.93 3.48 -6.81
CA ILE A 10 17.11 4.20 -6.33
C ILE A 10 17.23 4.11 -4.82
N PHE A 11 16.28 3.43 -4.19
CA PHE A 11 16.33 3.21 -2.74
C PHE A 11 16.19 1.75 -2.40
N PRO A 12 17.20 0.93 -2.75
CA PRO A 12 17.07 -0.51 -2.50
C PRO A 12 16.84 -0.86 -1.03
N GLU A 13 17.36 -0.06 -0.10
CA GLU A 13 17.18 -0.34 1.32
C GLU A 13 15.69 -0.31 1.72
N TYR A 14 14.88 0.39 0.94
CA TYR A 14 13.44 0.46 1.23
C TYR A 14 12.77 -0.90 1.06
N LEU A 15 13.37 -1.79 0.28
CA LEU A 15 12.73 -3.07 0.00
C LEU A 15 13.15 -4.14 1.01
N GLN A 16 13.91 -3.74 2.02
CA GLN A 16 14.33 -4.62 3.11
C GLN A 16 13.19 -5.43 3.76
N PRO A 17 12.01 -4.81 4.01
CA PRO A 17 10.93 -5.61 4.62
C PRO A 17 10.51 -6.83 3.83
N VAL A 18 10.66 -6.80 2.51
CA VAL A 18 10.27 -7.93 1.69
C VAL A 18 11.18 -9.11 1.98
N ARG A 19 12.48 -8.85 1.95
CA ARG A 19 13.46 -9.86 2.32
C ARG A 19 13.23 -10.37 3.74
N GLN A 20 12.75 -9.49 4.61
CA GLN A 20 12.47 -9.84 6.00
C GLN A 20 11.27 -10.78 6.14
N SER A 21 10.28 -10.66 5.26
CA SER A 21 9.06 -11.43 5.43
C SER A 21 9.06 -12.75 4.67
N LEU A 22 10.15 -13.06 3.97
CA LEU A 22 10.23 -14.30 3.18
C LEU A 22 10.71 -15.50 4.01
N PRO A 23 9.84 -16.50 4.21
CA PRO A 23 10.19 -17.74 4.91
C PRO A 23 11.30 -18.51 4.21
N GLY A 24 12.23 -19.04 5.00
CA GLY A 24 13.34 -19.80 4.46
C GLY A 24 12.88 -21.03 3.69
N LYS A 25 11.82 -21.67 4.18
CA LYS A 25 11.27 -22.85 3.52
C LYS A 25 10.88 -22.57 2.07
N ALA A 26 10.23 -21.43 1.82
CA ALA A 26 9.80 -21.08 0.47
C ALA A 26 10.98 -20.79 -0.45
N ILE A 27 12.01 -20.14 0.10
CA ILE A 27 13.20 -19.84 -0.67
C ILE A 27 13.98 -21.12 -0.95
N ASP A 28 14.14 -21.94 0.09
CA ASP A 28 14.84 -23.21 -0.05
C ASP A 28 14.10 -24.18 -0.95
N ALA A 29 12.77 -24.06 -1.00
CA ALA A 29 11.97 -24.89 -1.90
C ALA A 29 11.97 -24.33 -3.32
N GLY A 30 12.63 -23.20 -3.51
CA GLY A 30 12.72 -22.57 -4.82
C GLY A 30 11.38 -22.07 -5.32
N LEU A 31 10.51 -21.69 -4.40
CA LEU A 31 9.19 -21.19 -4.76
C LEU A 31 9.21 -19.70 -5.08
N VAL A 32 10.18 -19.00 -4.52
CA VAL A 32 10.23 -17.54 -4.65
C VAL A 32 11.65 -17.03 -4.54
N ASP A 33 11.94 -15.99 -5.32
CA ASP A 33 13.20 -15.28 -5.26
C ASP A 33 12.91 -13.80 -5.51
N VAL A 34 13.22 -12.95 -4.53
CA VAL A 34 13.05 -11.50 -4.70
C VAL A 34 14.43 -10.86 -4.72
N ALA A 35 14.74 -10.16 -5.81
CA ALA A 35 16.02 -9.49 -5.94
C ALA A 35 15.78 -8.01 -6.08
N VAL A 36 16.60 -7.21 -5.41
CA VAL A 36 16.44 -5.75 -5.47
C VAL A 36 17.67 -5.12 -6.10
N HIS A 37 17.44 -4.24 -7.06
CA HIS A 37 18.51 -3.65 -7.86
C HIS A 37 18.55 -2.14 -7.73
N ASP A 38 19.73 -1.60 -7.50
CA ASP A 38 19.95 -0.16 -7.47
C ASP A 38 19.93 0.35 -8.89
N LEU A 39 18.96 1.22 -9.23
CA LEU A 39 18.88 1.78 -10.59
C LEU A 39 20.17 2.46 -11.00
N ARG A 40 20.92 2.99 -10.03
CA ARG A 40 22.12 3.74 -10.40
C ARG A 40 23.20 2.85 -11.02
N ARG A 41 23.05 1.53 -10.87
CA ARG A 41 23.94 0.60 -11.56
C ARG A 41 23.95 0.80 -13.10
N TRP A 42 22.87 1.37 -13.61
CA TRP A 42 22.73 1.55 -15.06
C TRP A 42 22.88 3.02 -15.51
N THR A 43 23.37 3.89 -14.62
CA THR A 43 23.60 5.28 -15.04
C THR A 43 24.82 5.35 -15.95
N HIS A 44 24.93 6.45 -16.71
CA HIS A 44 25.97 6.56 -17.74
C HIS A 44 27.10 7.50 -17.36
N ASP A 45 26.86 8.31 -16.32
CA ASP A 45 27.76 9.41 -16.03
C ASP A 45 28.38 9.30 -14.64
N VAL A 46 29.43 10.07 -14.40
CA VAL A 46 30.11 9.96 -13.13
C VAL A 46 29.21 10.46 -11.98
N HIS A 47 28.24 11.33 -12.28
CA HIS A 47 27.34 11.82 -11.25
C HIS A 47 26.14 10.90 -11.00
N LYS A 48 26.12 9.76 -11.67
CA LYS A 48 25.07 8.74 -11.53
C LYS A 48 23.67 9.37 -11.60
N SER A 49 23.44 10.12 -12.67
CA SER A 49 22.21 10.88 -12.83
C SER A 49 21.05 9.99 -13.25
N VAL A 50 19.92 10.14 -12.56
CA VAL A 50 18.73 9.33 -12.89
C VAL A 50 17.54 10.18 -13.27
N ASP A 51 17.69 11.51 -13.16
CA ASP A 51 16.57 12.43 -13.42
C ASP A 51 17.02 13.64 -14.23
N ASP A 52 16.04 14.36 -14.78
CA ASP A 52 16.32 15.51 -15.65
C ASP A 52 15.03 16.31 -15.75
N SER A 53 15.13 17.54 -16.24
CA SER A 53 13.98 18.45 -16.26
C SER A 53 12.90 18.00 -17.25
N PRO A 54 11.62 18.25 -16.90
CA PRO A 54 10.52 17.81 -17.75
C PRO A 54 10.35 18.67 -19.00
N TYR A 55 10.19 18.04 -20.15
CA TYR A 55 9.83 18.76 -21.36
C TYR A 55 8.47 19.42 -21.17
N GLY A 56 8.32 20.62 -21.72
CA GLY A 56 7.07 21.36 -21.58
C GLY A 56 7.08 22.20 -20.32
N GLY A 57 8.12 22.03 -19.52
CA GLY A 57 8.29 22.82 -18.31
C GLY A 57 7.49 22.34 -17.12
N GLY A 58 7.53 23.13 -16.06
CA GLY A 58 6.86 22.76 -14.83
C GLY A 58 7.86 22.36 -13.79
N PRO A 59 7.41 22.26 -12.53
CA PRO A 59 8.31 21.91 -11.44
C PRO A 59 8.55 20.41 -11.40
N GLY A 60 9.59 20.01 -10.70
CA GLY A 60 9.86 18.61 -10.49
C GLY A 60 10.81 18.09 -11.53
N MET A 61 11.09 16.80 -11.44
CA MET A 61 12.02 16.16 -12.35
C MET A 61 11.41 14.86 -12.88
N VAL A 62 11.95 14.36 -13.98
CA VAL A 62 11.44 13.16 -14.62
C VAL A 62 12.57 12.16 -14.70
N MET A 63 12.31 10.88 -14.44
CA MET A 63 13.43 9.94 -14.51
C MET A 63 13.83 9.66 -15.96
N LYS A 64 15.13 9.54 -16.16
CA LYS A 64 15.71 9.44 -17.51
C LYS A 64 15.38 8.14 -18.23
N PRO A 65 14.94 8.22 -19.49
CA PRO A 65 14.62 7.00 -20.22
C PRO A 65 15.84 6.13 -20.54
N THR A 66 17.00 6.75 -20.76
CA THR A 66 18.18 5.99 -21.14
C THR A 66 18.65 5.02 -20.03
N VAL A 67 18.61 5.49 -18.79
CA VAL A 67 19.00 4.67 -17.64
C VAL A 67 18.02 3.52 -17.43
N TRP A 68 16.74 3.85 -17.40
CA TRP A 68 15.70 2.85 -17.24
C TRP A 68 15.68 1.84 -18.39
N GLY A 69 15.90 2.32 -19.61
CA GLY A 69 15.91 1.44 -20.76
C GLY A 69 16.98 0.38 -20.61
N ASP A 70 18.17 0.79 -20.19
CA ASP A 70 19.26 -0.15 -20.00
C ASP A 70 18.97 -1.15 -18.90
N ALA A 71 18.39 -0.67 -17.80
CA ALA A 71 18.09 -1.54 -16.67
C ALA A 71 17.09 -2.60 -17.07
N LEU A 72 16.01 -2.18 -17.73
CA LEU A 72 14.97 -3.11 -18.09
C LEU A 72 15.43 -4.06 -19.19
N ASP A 73 16.28 -3.57 -20.10
CA ASP A 73 16.82 -4.43 -21.15
C ASP A 73 17.57 -5.60 -20.54
N GLU A 74 18.27 -5.34 -19.44
CA GLU A 74 19.08 -6.37 -18.81
C GLU A 74 18.23 -7.35 -18.00
N ILE A 75 17.25 -6.82 -17.29
CA ILE A 75 16.48 -7.59 -16.32
CA ILE A 75 16.49 -7.59 -16.32
C ILE A 75 15.29 -8.31 -16.94
N CYS A 76 14.64 -7.66 -17.90
CA CYS A 76 13.41 -8.23 -18.47
C CYS A 76 13.66 -9.19 -19.62
N THR A 77 12.72 -10.11 -19.81
CA THR A 77 12.62 -10.89 -21.05
C THR A 77 11.22 -10.72 -21.61
N SER A 78 10.96 -11.37 -22.75
CA SER A 78 9.64 -11.30 -23.38
C SER A 78 8.54 -11.85 -22.48
N GLU A 79 8.93 -12.68 -21.50
CA GLU A 79 7.96 -13.34 -20.64
C GLU A 79 7.67 -12.55 -19.38
N THR A 80 8.46 -11.51 -19.14
CA THR A 80 8.30 -10.67 -17.95
C THR A 80 6.97 -9.95 -17.93
N LEU A 81 6.36 -9.89 -16.74
CA LEU A 81 5.28 -8.93 -16.51
C LEU A 81 5.89 -7.72 -15.81
N LEU A 82 5.95 -6.61 -16.55
CA LEU A 82 6.56 -5.40 -16.04
C LEU A 82 5.50 -4.57 -15.35
N VAL A 83 5.74 -4.33 -14.06
CA VAL A 83 4.79 -3.61 -13.21
C VAL A 83 5.38 -2.26 -12.90
N VAL A 84 4.63 -1.20 -13.22
CA VAL A 84 5.09 0.15 -12.99
C VAL A 84 4.10 0.88 -12.10
N PRO A 85 4.41 0.99 -10.80
CA PRO A 85 3.54 1.80 -9.95
C PRO A 85 3.50 3.25 -10.43
N THR A 86 2.32 3.85 -10.34
CA THR A 86 2.14 5.24 -10.74
C THR A 86 0.83 5.72 -10.18
N PRO A 87 0.79 6.99 -9.75
CA PRO A 87 -0.50 7.49 -9.25
C PRO A 87 -1.54 7.60 -10.37
N ALA A 88 -1.09 7.52 -11.62
CA ALA A 88 -2.01 7.56 -12.77
C ALA A 88 -2.31 6.17 -13.30
N GLY A 89 -2.07 5.14 -12.49
CA GLY A 89 -2.22 3.78 -12.95
C GLY A 89 -3.65 3.25 -12.89
N TYR A 90 -3.86 2.13 -13.58
CA TYR A 90 -5.07 1.34 -13.37
C TYR A 90 -5.10 0.87 -11.92
N PRO A 91 -6.29 0.66 -11.36
CA PRO A 91 -6.31 0.22 -9.96
C PRO A 91 -5.74 -1.18 -9.75
N PHE A 92 -4.84 -1.30 -8.78
CA PHE A 92 -4.38 -2.61 -8.32
C PHE A 92 -5.39 -3.11 -7.31
N THR A 93 -5.99 -4.26 -7.61
CA THR A 93 -6.96 -4.87 -6.72
C THR A 93 -6.61 -6.32 -6.42
N GLN A 94 -7.44 -6.96 -5.60
CA GLN A 94 -7.23 -8.37 -5.31
C GLN A 94 -7.31 -9.24 -6.56
N GLU A 95 -8.15 -8.83 -7.51
CA GLU A 95 -8.26 -9.53 -8.78
C GLU A 95 -6.91 -9.46 -9.51
N THR A 96 -6.28 -8.30 -9.44
CA THR A 96 -4.96 -8.12 -10.05
C THR A 96 -3.96 -9.05 -9.37
N ALA A 97 -3.98 -9.08 -8.06
CA ALA A 97 -3.03 -9.89 -7.29
C ALA A 97 -3.17 -11.36 -7.64
N TRP A 98 -4.43 -11.82 -7.77
CA TRP A 98 -4.70 -13.20 -8.15
C TRP A 98 -4.12 -13.50 -9.52
N GLN A 99 -4.36 -12.60 -10.47
CA GLN A 99 -3.86 -12.81 -11.82
C GLN A 99 -2.33 -12.89 -11.82
N TRP A 100 -1.69 -12.00 -11.08
CA TRP A 100 -0.23 -11.95 -11.12
C TRP A 100 0.43 -13.06 -10.31
N SER A 101 -0.33 -13.72 -9.44
CA SER A 101 0.25 -14.72 -8.55
C SER A 101 0.72 -15.97 -9.28
N THR A 102 0.30 -16.14 -10.54
CA THR A 102 0.75 -17.29 -11.31
C THR A 102 1.87 -16.95 -12.31
N GLU A 103 2.35 -15.70 -12.27
CA GLU A 103 3.44 -15.29 -13.16
C GLU A 103 4.78 -15.88 -12.79
N ASP A 104 5.61 -16.16 -13.79
CA ASP A 104 6.97 -16.66 -13.56
C ASP A 104 7.92 -15.55 -13.14
N HIS A 105 7.69 -14.36 -13.68
CA HIS A 105 8.64 -13.27 -13.53
C HIS A 105 7.96 -11.92 -13.46
N LEU A 106 7.98 -11.30 -12.29
CA LEU A 106 7.54 -9.90 -12.19
C LEU A 106 8.75 -9.00 -12.08
N VAL A 107 8.73 -7.89 -12.80
CA VAL A 107 9.72 -6.84 -12.60
C VAL A 107 8.96 -5.58 -12.20
N ILE A 108 9.34 -5.01 -11.07
CA ILE A 108 8.64 -3.83 -10.56
C ILE A 108 9.57 -2.63 -10.65
N ALA A 109 9.20 -1.69 -11.51
CA ALA A 109 10.02 -0.50 -11.78
C ALA A 109 9.55 0.65 -10.91
N CYS A 110 10.32 0.96 -9.87
CA CYS A 110 9.93 2.00 -8.91
C CYS A 110 10.42 3.36 -9.33
N GLY A 111 9.48 4.27 -9.61
CA GLY A 111 9.83 5.63 -9.92
C GLY A 111 9.97 6.50 -8.69
N ARG A 112 10.60 7.66 -8.91
CA ARG A 112 10.67 8.73 -7.92
C ARG A 112 10.46 10.05 -8.68
N TYR A 113 10.54 11.18 -7.96
CA TYR A 113 10.27 12.48 -8.57
C TYR A 113 8.88 12.51 -9.21
N GLU A 114 8.75 13.02 -10.42
CA GLU A 114 7.44 13.09 -11.06
C GLU A 114 7.07 11.79 -11.76
N GLY A 115 8.02 10.84 -11.81
CA GLY A 115 7.78 9.57 -12.47
C GLY A 115 8.81 9.30 -13.55
N ILE A 116 8.52 8.32 -14.38
CA ILE A 116 9.47 7.84 -15.40
C ILE A 116 9.03 8.34 -16.76
N ASP A 117 9.99 8.81 -17.56
CA ASP A 117 9.73 9.17 -18.95
C ASP A 117 8.81 8.10 -19.57
N GLN A 118 7.71 8.52 -20.18
CA GLN A 118 6.67 7.58 -20.62
C GLN A 118 7.17 6.62 -21.70
N ARG A 119 8.21 7.02 -22.41
CA ARG A 119 8.73 6.13 -23.46
C ARG A 119 9.32 4.84 -22.92
N VAL A 120 9.72 4.82 -21.65
CA VAL A 120 10.24 3.59 -21.08
C VAL A 120 9.17 2.50 -21.08
N ALA A 121 8.01 2.79 -20.51
CA ALA A 121 6.92 1.81 -20.49
C ALA A 121 6.42 1.53 -21.92
N ASP A 122 6.30 2.58 -22.72
CA ASP A 122 5.80 2.43 -24.09
C ASP A 122 6.72 1.53 -24.92
N ASP A 123 8.03 1.74 -24.82
CA ASP A 123 9.00 0.89 -25.50
C ASP A 123 8.90 -0.56 -24.97
N ALA A 124 8.87 -0.71 -23.65
CA ALA A 124 8.80 -2.06 -23.09
C ALA A 124 7.55 -2.79 -23.58
N ALA A 125 6.45 -2.05 -23.69
CA ALA A 125 5.16 -2.62 -24.07
C ALA A 125 5.16 -3.19 -25.48
N THR A 126 6.18 -2.84 -26.28
CA THR A 126 6.25 -3.41 -27.63
C THR A 126 6.86 -4.81 -27.63
N ARG A 127 7.35 -5.28 -26.49
CA ARG A 127 7.92 -6.62 -26.49
C ARG A 127 7.67 -7.45 -25.23
N MET A 128 6.90 -6.89 -24.30
CA MET A 128 6.47 -7.64 -23.11
C MET A 128 5.18 -7.05 -22.59
N ARG A 129 4.53 -7.74 -21.67
CA ARG A 129 3.33 -7.22 -21.04
C ARG A 129 3.70 -6.18 -19.97
N VAL A 130 3.09 -5.01 -20.06
CA VAL A 130 3.38 -3.93 -19.12
C VAL A 130 2.09 -3.53 -18.41
N ARG A 131 2.17 -3.28 -17.11
CA ARG A 131 1.02 -2.87 -16.32
C ARG A 131 1.35 -1.65 -15.47
N GLU A 132 0.75 -0.51 -15.78
CA GLU A 132 0.86 0.66 -14.94
C GLU A 132 -0.29 0.63 -13.94
N VAL A 133 0.02 0.61 -12.65
CA VAL A 133 -1.03 0.43 -11.64
C VAL A 133 -0.83 1.37 -10.47
N SER A 134 -1.94 1.63 -9.77
CA SER A 134 -1.92 2.43 -8.54
C SER A 134 -2.50 1.63 -7.40
N ILE A 135 -1.90 1.71 -6.21
CA ILE A 135 -2.41 0.93 -5.07
C ILE A 135 -3.50 1.66 -4.27
N GLY A 136 -3.81 2.91 -4.60
CA GLY A 136 -4.88 3.60 -3.92
C GLY A 136 -4.94 5.07 -4.23
N ASP A 137 -5.98 5.72 -3.71
CA ASP A 137 -6.19 7.13 -4.07
C ASP A 137 -5.58 8.09 -3.07
N TYR A 138 -4.25 8.09 -3.03
CA TYR A 138 -3.46 8.95 -2.18
C TYR A 138 -2.15 9.07 -2.92
N VAL A 139 -1.34 10.04 -2.54
CA VAL A 139 -0.09 10.31 -3.24
C VAL A 139 1.09 9.93 -2.38
N LEU A 140 2.02 9.18 -2.98
CA LEU A 140 3.25 8.77 -2.29
C LEU A 140 4.43 9.52 -2.90
N ASN A 141 5.62 9.33 -2.34
CA ASN A 141 6.82 9.97 -2.89
C ASN A 141 7.43 9.20 -4.06
N GLY A 142 7.02 7.94 -4.21
CA GLY A 142 7.62 7.11 -5.24
C GLY A 142 7.01 5.73 -5.18
N GLY A 143 7.52 4.83 -6.01
CA GLY A 143 6.89 3.53 -6.17
C GLY A 143 7.27 2.46 -5.17
N GLU A 144 8.21 2.74 -4.28
CA GLU A 144 8.70 1.69 -3.38
C GLU A 144 7.64 1.19 -2.41
N ALA A 145 6.89 2.09 -1.79
CA ALA A 145 5.87 1.60 -0.86
C ALA A 145 4.80 0.82 -1.59
N ALA A 146 4.53 1.21 -2.84
CA ALA A 146 3.56 0.50 -3.68
C ALA A 146 4.08 -0.89 -4.01
N ALA A 147 5.38 -0.99 -4.27
CA ALA A 147 5.98 -2.28 -4.54
C ALA A 147 5.86 -3.21 -3.33
N LEU A 148 6.07 -2.67 -2.14
CA LEU A 148 5.93 -3.49 -0.92
C LEU A 148 4.52 -4.07 -0.80
N VAL A 149 3.53 -3.23 -1.06
CA VAL A 149 2.14 -3.66 -1.01
C VAL A 149 1.84 -4.70 -2.09
N ILE A 150 2.29 -4.44 -3.31
CA ILE A 150 2.05 -5.37 -4.41
C ILE A 150 2.71 -6.72 -4.15
N ILE A 151 3.96 -6.70 -3.69
CA ILE A 151 4.67 -7.94 -3.45
C ILE A 151 3.95 -8.75 -2.36
N GLU A 152 3.56 -8.09 -1.28
CA GLU A 152 2.87 -8.83 -0.22
C GLU A 152 1.53 -9.40 -0.68
N ALA A 153 0.73 -8.60 -1.38
CA ALA A 153 -0.59 -9.04 -1.83
C ALA A 153 -0.49 -10.20 -2.81
N VAL A 154 0.50 -10.13 -3.70
CA VAL A 154 0.71 -11.20 -4.67
C VAL A 154 1.28 -12.47 -4.03
N LEU A 155 2.35 -12.33 -3.25
CA LEU A 155 3.03 -13.53 -2.74
C LEU A 155 2.19 -14.28 -1.71
N ARG A 156 1.27 -13.60 -1.04
CA ARG A 156 0.47 -14.33 -0.06
C ARG A 156 -0.54 -15.24 -0.79
N LEU A 157 -0.71 -15.03 -2.10
CA LEU A 157 -1.57 -15.89 -2.92
C LEU A 157 -0.78 -17.03 -3.57
N VAL A 158 0.54 -17.01 -3.44
CA VAL A 158 1.35 -18.12 -3.94
C VAL A 158 1.50 -19.17 -2.85
N PRO A 159 0.95 -20.36 -3.08
CA PRO A 159 0.89 -21.42 -2.05
C PRO A 159 2.20 -21.59 -1.28
N GLY A 160 2.13 -21.36 0.03
CA GLY A 160 3.26 -21.59 0.92
C GLY A 160 4.45 -20.68 0.73
N VAL A 161 4.22 -19.44 0.32
CA VAL A 161 5.33 -18.51 0.21
C VAL A 161 5.44 -17.61 1.43
N LEU A 162 4.35 -16.92 1.81
CA LEU A 162 4.42 -16.03 2.96
C LEU A 162 3.97 -16.70 4.26
N SER A 179 -17.95 -7.59 -2.98
CA SER A 179 -18.25 -8.41 -1.82
C SER A 179 -18.67 -7.54 -0.63
N LEU A 180 -18.54 -8.10 0.57
CA LEU A 180 -18.87 -7.39 1.80
C LEU A 180 -17.64 -7.31 2.71
N LEU A 181 -17.65 -6.35 3.61
CA LEU A 181 -16.58 -6.22 4.60
C LEU A 181 -16.78 -7.23 5.72
N GLU A 182 -15.68 -7.74 6.26
CA GLU A 182 -15.74 -8.60 7.44
C GLU A 182 -16.19 -7.78 8.65
N GLY A 183 -17.08 -8.35 9.47
CA GLY A 183 -17.51 -7.69 10.68
C GLY A 183 -16.49 -7.85 11.80
N PRO A 184 -16.86 -7.46 13.04
CA PRO A 184 -15.89 -7.48 14.14
C PRO A 184 -15.56 -8.91 14.58
N SER A 185 -14.35 -9.09 15.09
CA SER A 185 -13.90 -10.38 15.62
CA SER A 185 -13.97 -10.38 15.63
C SER A 185 -13.55 -10.25 17.09
N TYR A 186 -13.68 -11.35 17.82
CA TYR A 186 -13.42 -11.37 19.25
C TYR A 186 -12.65 -12.62 19.65
N THR A 187 -11.82 -12.50 20.67
CA THR A 187 -11.26 -13.68 21.29
C THR A 187 -11.16 -13.46 22.80
N ARG A 188 -10.50 -14.38 23.52
CA ARG A 188 -10.37 -14.26 24.97
C ARG A 188 -9.73 -12.95 25.40
N PRO A 189 -10.13 -12.42 26.56
CA PRO A 189 -11.10 -12.95 27.53
C PRO A 189 -12.54 -12.59 27.17
N PRO A 190 -13.52 -13.33 27.71
CA PRO A 190 -14.94 -13.07 27.36
C PRO A 190 -15.43 -11.71 27.84
N SER A 191 -14.76 -11.16 28.85
CA SER A 191 -15.07 -9.82 29.31
CA SER A 191 -15.08 -9.82 29.37
C SER A 191 -13.79 -9.02 29.52
N TRP A 192 -13.77 -7.80 29.00
CA TRP A 192 -12.57 -6.98 29.05
C TRP A 192 -12.93 -5.52 29.09
N ARG A 193 -12.44 -4.83 30.12
CA ARG A 193 -12.69 -3.40 30.33
C ARG A 193 -14.17 -3.05 30.18
N GLY A 194 -15.03 -3.91 30.71
CA GLY A 194 -16.46 -3.68 30.74
C GLY A 194 -17.17 -4.06 29.46
N MET A 195 -16.45 -4.66 28.53
CA MET A 195 -17.04 -5.05 27.26
C MET A 195 -17.07 -6.56 27.11
N ASP A 196 -18.27 -7.11 27.01
CA ASP A 196 -18.45 -8.54 26.83
C ASP A 196 -18.46 -8.88 25.35
N VAL A 197 -17.85 -10.02 25.02
CA VAL A 197 -18.04 -10.60 23.69
C VAL A 197 -19.52 -10.82 23.47
N PRO A 198 -20.02 -10.48 22.26
CA PRO A 198 -21.44 -10.71 21.96
C PRO A 198 -21.87 -12.14 22.29
N PRO A 199 -22.87 -12.28 23.16
CA PRO A 199 -23.26 -13.62 23.66
C PRO A 199 -23.62 -14.61 22.56
N VAL A 200 -24.12 -14.13 21.43
CA VAL A 200 -24.47 -15.03 20.34
C VAL A 200 -23.26 -15.90 19.94
N LEU A 201 -22.05 -15.34 20.04
CA LEU A 201 -20.85 -16.06 19.60
C LEU A 201 -20.54 -17.22 20.53
N LEU A 202 -21.07 -17.17 21.75
CA LEU A 202 -20.90 -18.23 22.73
C LEU A 202 -22.09 -19.18 22.80
N SER A 203 -23.04 -19.03 21.88
CA SER A 203 -24.34 -19.71 22.01
C SER A 203 -24.36 -21.17 21.53
N GLY A 204 -23.39 -21.56 20.71
CA GLY A 204 -23.42 -22.89 20.15
C GLY A 204 -24.53 -23.08 19.11
N ASP A 205 -25.11 -21.98 18.67
CA ASP A 205 -26.10 -22.00 17.59
C ASP A 205 -25.41 -21.48 16.35
N HIS A 206 -24.83 -22.38 15.55
CA HIS A 206 -23.93 -21.91 14.52
C HIS A 206 -24.63 -21.35 13.29
N ALA A 207 -25.90 -21.70 13.08
CA ALA A 207 -26.66 -21.05 12.03
C ALA A 207 -26.94 -19.59 12.42
N LYS A 208 -27.31 -19.40 13.69
CA LYS A 208 -27.56 -18.06 14.23
C LYS A 208 -26.30 -17.19 14.21
N ILE A 209 -25.17 -17.79 14.58
CA ILE A 209 -23.89 -17.10 14.55
C ILE A 209 -23.57 -16.62 13.14
N ALA A 210 -23.78 -17.49 12.15
CA ALA A 210 -23.49 -17.11 10.78
C ALA A 210 -24.38 -15.95 10.33
N ALA A 211 -25.65 -15.98 10.73
CA ALA A 211 -26.58 -14.92 10.37
C ALA A 211 -26.20 -13.62 11.05
N TRP A 212 -25.76 -13.70 12.30
CA TRP A 212 -25.31 -12.52 13.04
C TRP A 212 -24.09 -11.89 12.35
N ARG A 213 -23.15 -12.74 11.98
CA ARG A 213 -21.95 -12.25 11.29
C ARG A 213 -22.29 -11.62 9.95
N ALA A 214 -23.24 -12.22 9.24
CA ALA A 214 -23.69 -11.68 7.94
C ALA A 214 -24.31 -10.29 8.12
N GLU A 215 -25.12 -10.12 9.15
CA GLU A 215 -25.75 -8.83 9.41
C GLU A 215 -24.72 -7.78 9.83
N GLN A 216 -23.75 -8.19 10.65
CA GLN A 216 -22.65 -7.30 11.02
C GLN A 216 -21.90 -6.84 9.78
N SER A 217 -21.65 -7.78 8.88
CA SER A 217 -20.95 -7.49 7.63
CA SER A 217 -20.94 -7.47 7.63
C SER A 217 -21.75 -6.51 6.77
N ARG A 218 -23.06 -6.77 6.66
CA ARG A 218 -23.93 -5.88 5.89
C ARG A 218 -23.90 -4.47 6.46
N GLN A 219 -24.05 -4.35 7.78
CA GLN A 219 -24.07 -3.03 8.42
C GLN A 219 -22.74 -2.29 8.27
N ARG A 220 -21.64 -3.01 8.43
CA ARG A 220 -20.34 -2.37 8.34
C ARG A 220 -20.09 -1.90 6.90
N THR A 221 -20.55 -2.69 5.93
CA THR A 221 -20.34 -2.34 4.53
C THR A 221 -21.13 -1.09 4.19
N ILE A 222 -22.38 -1.04 4.64
CA ILE A 222 -23.20 0.16 4.42
C ILE A 222 -22.56 1.41 5.02
N GLU A 223 -22.02 1.28 6.23
CA GLU A 223 -21.44 2.42 6.94
C GLU A 223 -20.09 2.85 6.37
N ARG A 224 -19.23 1.88 6.05
CA ARG A 224 -17.86 2.18 5.68
C ARG A 224 -17.59 2.17 4.17
N ARG A 225 -18.34 1.37 3.44
CA ARG A 225 -18.10 1.20 2.01
C ARG A 225 -19.39 1.07 1.21
N PRO A 226 -20.24 2.11 1.24
CA PRO A 226 -21.51 2.02 0.50
C PRO A 226 -21.30 1.83 -1.00
N ASP A 227 -20.11 2.16 -1.50
CA ASP A 227 -19.77 1.98 -2.90
C ASP A 227 -19.75 0.50 -3.31
N LEU A 228 -19.67 -0.40 -2.34
CA LEU A 228 -19.62 -1.83 -2.63
C LEU A 228 -21.02 -2.42 -2.79
N LEU A 229 -22.02 -1.58 -2.66
CA LEU A 229 -23.41 -2.02 -2.70
C LEU A 229 -24.16 -1.41 -3.88
N SER B 2 4.35 20.12 13.58
CA SER B 2 5.09 19.11 14.32
C SER B 2 4.23 17.86 14.56
N MET B 3 4.80 16.69 14.28
CA MET B 3 4.05 15.44 14.44
C MET B 3 4.90 14.31 15.03
N LYS B 4 4.30 13.57 15.96
CA LYS B 4 4.87 12.32 16.46
C LYS B 4 4.06 11.17 15.92
N ILE B 5 4.74 10.15 15.37
CA ILE B 5 4.07 8.92 14.97
C ILE B 5 4.67 7.73 15.72
N ASP B 6 3.81 7.01 16.43
CA ASP B 6 4.19 5.75 17.07
C ASP B 6 3.55 4.59 16.32
N VAL B 7 4.34 3.57 15.98
CA VAL B 7 3.81 2.40 15.29
C VAL B 7 3.96 1.20 16.20
N VAL B 8 2.87 0.46 16.41
CA VAL B 8 2.92 -0.69 17.30
C VAL B 8 2.68 -1.96 16.50
N THR B 9 3.58 -2.94 16.67
CA THR B 9 3.60 -4.09 15.78
C THR B 9 4.30 -5.27 16.44
N ILE B 10 3.95 -6.49 16.05
CA ILE B 10 4.72 -7.66 16.50
C ILE B 10 5.86 -7.97 15.53
N PHE B 11 5.93 -7.19 14.45
CA PHE B 11 7.05 -7.28 13.52
C PHE B 11 7.78 -5.95 13.32
N PRO B 12 8.44 -5.43 14.37
CA PRO B 12 9.13 -4.13 14.29
C PRO B 12 10.18 -4.09 13.18
N GLU B 13 10.79 -5.24 12.87
CA GLU B 13 11.81 -5.32 11.83
C GLU B 13 11.28 -4.85 10.48
N TYR B 14 10.00 -5.09 10.22
CA TYR B 14 9.42 -4.72 8.94
CA TYR B 14 9.39 -4.71 8.95
C TYR B 14 9.37 -3.19 8.76
N LEU B 15 9.26 -2.44 9.86
CA LEU B 15 9.05 -0.99 9.75
C LEU B 15 10.31 -0.15 9.51
N GLN B 16 11.44 -0.80 9.29
CA GLN B 16 12.70 -0.06 9.17
C GLN B 16 12.89 0.90 7.97
N PRO B 17 12.09 0.80 6.88
CA PRO B 17 12.25 1.84 5.86
C PRO B 17 11.98 3.28 6.31
N VAL B 18 11.69 3.49 7.58
CA VAL B 18 11.50 4.84 8.12
C VAL B 18 12.85 5.49 8.44
N GLY B 30 13.25 16.83 11.44
CA GLY B 30 13.20 17.44 12.76
C GLY B 30 11.79 17.83 13.18
N LEU B 31 10.95 18.11 12.19
CA LEU B 31 9.58 18.52 12.45
C LEU B 31 8.68 17.31 12.72
N VAL B 32 9.24 16.12 12.53
CA VAL B 32 8.48 14.89 12.74
C VAL B 32 9.41 13.76 13.19
N ASP B 33 8.94 12.96 14.15
CA ASP B 33 9.66 11.77 14.55
C ASP B 33 8.74 10.56 14.49
N VAL B 34 9.32 9.42 14.10
CA VAL B 34 8.59 8.17 14.01
C VAL B 34 9.27 7.16 14.93
N ALA B 35 8.49 6.51 15.79
CA ALA B 35 9.00 5.49 16.69
C ALA B 35 8.24 4.19 16.48
N VAL B 36 8.97 3.07 16.49
CA VAL B 36 8.38 1.75 16.31
C VAL B 36 8.48 0.95 17.61
N HIS B 37 7.36 0.32 18.00
CA HIS B 37 7.28 -0.42 19.25
C HIS B 37 6.89 -1.89 19.04
N ASP B 38 7.63 -2.78 19.69
CA ASP B 38 7.30 -4.20 19.67
C ASP B 38 6.16 -4.45 20.65
N LEU B 39 5.02 -4.92 20.13
CA LEU B 39 3.84 -5.16 20.97
C LEU B 39 4.17 -6.14 22.09
N ARG B 40 5.04 -7.10 21.78
CA ARG B 40 5.36 -8.15 22.75
C ARG B 40 6.00 -7.62 24.03
N ARG B 41 6.54 -6.40 23.97
CA ARG B 41 7.10 -5.75 25.16
C ARG B 41 6.07 -5.60 26.28
N TRP B 42 4.79 -5.71 25.95
CA TRP B 42 3.73 -5.53 26.93
C TRP B 42 3.09 -6.85 27.37
N THR B 43 3.68 -7.97 26.98
CA THR B 43 3.22 -9.29 27.45
C THR B 43 3.97 -9.64 28.74
N HIS B 44 3.39 -10.55 29.52
CA HIS B 44 4.01 -10.95 30.78
C HIS B 44 4.16 -12.46 30.91
N ASP B 45 3.35 -13.19 30.14
CA ASP B 45 3.48 -14.64 30.08
C ASP B 45 4.77 -15.00 29.36
N VAL B 46 5.31 -16.18 29.68
CA VAL B 46 6.57 -16.61 29.08
C VAL B 46 6.36 -17.11 27.65
N SER B 49 1.74 -15.08 24.49
CA SER B 49 0.85 -15.38 23.38
C SER B 49 -0.14 -14.24 23.13
N VAL B 50 -0.02 -13.60 21.96
CA VAL B 50 -0.81 -12.42 21.67
C VAL B 50 -2.13 -12.74 20.95
N ASP B 51 -2.35 -14.01 20.62
CA ASP B 51 -3.50 -14.38 19.80
C ASP B 51 -4.22 -15.61 20.30
N ASP B 52 -5.49 -15.76 19.94
CA ASP B 52 -6.21 -17.00 20.24
C ASP B 52 -7.33 -17.18 19.23
N SER B 53 -7.99 -18.33 19.26
CA SER B 53 -9.03 -18.65 18.28
C SER B 53 -10.23 -17.73 18.46
N PRO B 54 -10.96 -17.45 17.36
CA PRO B 54 -12.08 -16.51 17.47
C PRO B 54 -13.28 -17.08 18.21
N TYR B 55 -13.89 -16.28 19.05
CA TYR B 55 -15.19 -16.65 19.58
C TYR B 55 -16.17 -16.79 18.42
N GLY B 56 -17.04 -17.79 18.50
CA GLY B 56 -17.97 -18.07 17.41
C GLY B 56 -17.41 -18.94 16.31
N GLY B 57 -16.12 -19.23 16.39
CA GLY B 57 -15.52 -20.11 15.40
C GLY B 57 -14.97 -19.45 14.15
N GLY B 58 -14.39 -20.28 13.29
CA GLY B 58 -13.83 -19.79 12.04
C GLY B 58 -12.33 -20.00 11.99
N PRO B 59 -11.75 -19.86 10.80
CA PRO B 59 -10.32 -20.16 10.67
C PRO B 59 -9.44 -19.05 11.22
N GLY B 60 -8.23 -19.42 11.61
CA GLY B 60 -7.24 -18.44 11.96
C GLY B 60 -7.39 -17.93 13.38
N MET B 61 -6.70 -16.84 13.66
CA MET B 61 -6.53 -16.36 15.02
C MET B 61 -6.82 -14.88 15.10
N VAL B 62 -7.13 -14.42 16.30
CA VAL B 62 -7.44 -13.03 16.57
C VAL B 62 -6.50 -12.53 17.63
N MET B 63 -6.00 -11.31 17.48
CA MET B 63 -5.13 -10.76 18.52
C MET B 63 -5.95 -10.41 19.76
N LYS B 64 -5.50 -10.87 20.92
CA LYS B 64 -6.18 -10.59 22.20
C LYS B 64 -6.16 -9.10 22.52
N PRO B 65 -7.24 -8.60 23.14
CA PRO B 65 -7.29 -7.17 23.46
C PRO B 65 -6.37 -6.78 24.61
N THR B 66 -6.03 -7.75 25.43
CA THR B 66 -5.33 -7.48 26.67
C THR B 66 -3.99 -6.77 26.46
N VAL B 67 -3.14 -7.34 25.63
CA VAL B 67 -1.80 -6.77 25.44
C VAL B 67 -1.89 -5.44 24.69
N TRP B 68 -2.81 -5.35 23.72
CA TRP B 68 -3.04 -4.08 23.04
C TRP B 68 -3.46 -2.98 24.00
N GLY B 69 -4.35 -3.30 24.93
CA GLY B 69 -4.82 -2.33 25.91
C GLY B 69 -3.66 -1.75 26.71
N ASP B 70 -2.78 -2.63 27.17
CA ASP B 70 -1.64 -2.18 27.97
C ASP B 70 -0.68 -1.32 27.16
N ALA B 71 -0.41 -1.73 25.92
CA ALA B 71 0.44 -0.95 25.02
C ALA B 71 -0.15 0.44 24.76
N LEU B 72 -1.43 0.49 24.42
CA LEU B 72 -2.03 1.76 24.03
C LEU B 72 -2.22 2.68 25.23
N ASP B 73 -2.46 2.09 26.40
CA ASP B 73 -2.54 2.87 27.64
C ASP B 73 -1.29 3.71 27.82
N GLU B 74 -0.14 3.11 27.51
CA GLU B 74 1.15 3.73 27.76
C GLU B 74 1.49 4.76 26.68
N ILE B 75 1.14 4.42 25.45
CA ILE B 75 1.58 5.18 24.30
C ILE B 75 0.64 6.35 23.99
N CYS B 76 -0.65 6.12 24.18
CA CYS B 76 -1.66 7.09 23.76
C CYS B 76 -2.07 8.08 24.84
N THR B 77 -2.53 9.24 24.40
CA THR B 77 -3.24 10.18 25.26
C THR B 77 -4.59 10.51 24.64
N SER B 78 -5.36 11.38 25.28
CA SER B 78 -6.67 11.75 24.78
C SER B 78 -6.57 12.57 23.48
N GLU B 79 -5.38 13.08 23.17
CA GLU B 79 -5.18 13.89 21.98
C GLU B 79 -4.76 13.03 20.79
N THR B 80 -4.43 11.78 21.06
CA THR B 80 -3.94 10.84 20.05
C THR B 80 -5.01 10.53 19.00
N LEU B 81 -4.59 10.45 17.74
CA LEU B 81 -5.43 9.85 16.72
C LEU B 81 -4.98 8.41 16.53
N LEU B 82 -5.79 7.44 16.98
CA LEU B 82 -5.42 6.03 16.84
C LEU B 82 -5.85 5.52 15.47
N VAL B 83 -4.85 5.09 14.68
CA VAL B 83 -5.08 4.61 13.32
C VAL B 83 -4.93 3.10 13.31
N VAL B 84 -5.96 2.42 12.83
CA VAL B 84 -5.95 0.95 12.79
C VAL B 84 -6.19 0.48 11.37
N PRO B 85 -5.11 0.12 10.65
CA PRO B 85 -5.29 -0.50 9.33
C PRO B 85 -6.11 -1.78 9.42
N THR B 86 -7.02 -1.98 8.48
CA THR B 86 -7.80 -3.19 8.41
C THR B 86 -8.45 -3.26 7.05
N PRO B 87 -8.54 -4.47 6.48
CA PRO B 87 -9.21 -4.56 5.17
C PRO B 87 -10.68 -4.18 5.25
N ALA B 88 -11.22 -4.10 6.46
CA ALA B 88 -12.61 -3.72 6.66
C ALA B 88 -12.73 -2.26 7.06
N GLY B 89 -11.70 -1.45 6.79
CA GLY B 89 -11.71 -0.06 7.24
C GLY B 89 -12.45 0.86 6.28
N TYR B 90 -12.70 2.09 6.75
CA TYR B 90 -13.07 3.20 5.86
C TYR B 90 -11.91 3.42 4.89
N PRO B 91 -12.19 3.90 3.67
CA PRO B 91 -11.05 4.10 2.77
C PRO B 91 -10.11 5.20 3.24
N PHE B 92 -8.81 4.90 3.20
CA PHE B 92 -7.78 5.92 3.38
C PHE B 92 -7.49 6.54 2.02
N THR B 93 -7.72 7.85 1.91
CA THR B 93 -7.55 8.58 0.65
C THR B 93 -6.69 9.81 0.86
N GLN B 94 -6.45 10.56 -0.22
CA GLN B 94 -5.67 11.78 -0.11
C GLN B 94 -6.36 12.78 0.82
N GLU B 95 -7.69 12.77 0.82
CA GLU B 95 -8.42 13.62 1.76
C GLU B 95 -8.06 13.25 3.19
N THR B 96 -8.01 11.96 3.48
CA THR B 96 -7.62 11.49 4.80
C THR B 96 -6.21 11.95 5.15
N ALA B 97 -5.31 11.86 4.17
CA ALA B 97 -3.93 12.26 4.41
C ALA B 97 -3.85 13.75 4.75
N TRP B 98 -4.58 14.59 4.01
CA TRP B 98 -4.66 16.01 4.34
C TRP B 98 -5.18 16.22 5.76
N GLN B 99 -6.24 15.49 6.12
CA GLN B 99 -6.85 15.69 7.42
C GLN B 99 -5.87 15.32 8.53
N TRP B 100 -5.13 14.24 8.34
CA TRP B 100 -4.23 13.75 9.38
C TRP B 100 -2.92 14.52 9.43
N SER B 101 -2.60 15.27 8.38
CA SER B 101 -1.32 15.96 8.27
C SER B 101 -1.11 17.04 9.35
N THR B 102 -2.19 17.50 9.98
CA THR B 102 -2.07 18.55 10.98
C THR B 102 -2.24 18.00 12.40
N GLU B 103 -2.27 16.68 12.53
CA GLU B 103 -2.33 16.05 13.86
C GLU B 103 -0.99 16.14 14.59
N ASP B 104 -1.07 16.25 15.91
CA ASP B 104 0.12 16.25 16.77
C ASP B 104 0.66 14.84 16.98
N HIS B 105 -0.23 13.87 17.02
CA HIS B 105 0.15 12.51 17.43
C HIS B 105 -0.67 11.41 16.76
N LEU B 106 -0.02 10.65 15.88
CA LEU B 106 -0.64 9.47 15.30
C LEU B 106 -0.08 8.22 15.98
N VAL B 107 -0.95 7.30 16.36
CA VAL B 107 -0.52 5.98 16.78
C VAL B 107 -1.11 4.96 15.82
N ILE B 108 -0.25 4.16 15.19
CA ILE B 108 -0.73 3.20 14.21
C ILE B 108 -0.59 1.79 14.76
N ALA B 109 -1.73 1.16 15.00
CA ALA B 109 -1.78 -0.15 15.62
C ALA B 109 -1.83 -1.21 14.53
N CYS B 110 -0.71 -1.90 14.31
CA CYS B 110 -0.65 -2.88 13.23
C CYS B 110 -1.04 -4.28 13.67
N GLY B 111 -2.11 -4.81 13.06
CA GLY B 111 -2.56 -6.15 13.38
C GLY B 111 -1.86 -7.20 12.54
N ARG B 112 -2.00 -8.45 12.97
CA ARG B 112 -1.56 -9.61 12.20
C ARG B 112 -2.64 -10.69 12.36
N TYR B 113 -2.35 -11.92 11.92
CA TYR B 113 -3.36 -12.99 11.92
C TYR B 113 -4.64 -12.51 11.22
N GLU B 114 -5.81 -12.74 11.83
CA GLU B 114 -7.07 -12.30 11.22
C GLU B 114 -7.50 -10.92 11.73
N GLY B 115 -6.62 -10.27 12.47
CA GLY B 115 -6.95 -8.94 12.96
C GLY B 115 -6.96 -8.83 14.47
N ILE B 116 -7.47 -7.71 14.97
CA ILE B 116 -7.42 -7.38 16.39
C ILE B 116 -8.82 -7.44 16.95
N ASP B 117 -8.96 -8.01 18.15
CA ASP B 117 -10.24 -8.01 18.88
C ASP B 117 -10.88 -6.62 18.80
N GLN B 118 -12.15 -6.57 18.39
CA GLN B 118 -12.82 -5.28 18.14
C GLN B 118 -12.84 -4.38 19.38
N ARG B 119 -12.77 -4.98 20.57
CA ARG B 119 -12.90 -4.18 21.78
C ARG B 119 -11.72 -3.24 21.98
N VAL B 120 -10.58 -3.53 21.35
CA VAL B 120 -9.43 -2.63 21.44
C VAL B 120 -9.80 -1.26 20.87
N ALA B 121 -10.33 -1.24 19.66
CA ALA B 121 -10.77 0.01 19.05
C ALA B 121 -11.91 0.63 19.84
N ASP B 122 -12.85 -0.21 20.30
CA ASP B 122 -14.00 0.30 21.06
C ASP B 122 -13.58 0.95 22.37
N ASP B 123 -12.72 0.27 23.13
CA ASP B 123 -12.20 0.83 24.37
C ASP B 123 -11.45 2.14 24.13
N ALA B 124 -10.58 2.13 23.13
CA ALA B 124 -9.80 3.33 22.81
C ALA B 124 -10.70 4.50 22.47
N ALA B 125 -11.80 4.26 21.78
CA ALA B 125 -12.69 5.34 21.35
C ALA B 125 -13.40 6.04 22.51
N THR B 126 -13.41 5.41 23.68
CA THR B 126 -13.98 6.05 24.86
C THR B 126 -13.04 7.12 25.40
N ARG B 127 -11.83 7.17 24.86
CA ARG B 127 -10.77 7.98 25.43
C ARG B 127 -10.12 8.90 24.41
N MET B 128 -10.14 8.47 23.14
CA MET B 128 -9.47 9.19 22.06
C MET B 128 -10.21 8.96 20.74
N ARG B 129 -9.78 9.67 19.70
CA ARG B 129 -10.36 9.46 18.38
C ARG B 129 -9.71 8.25 17.72
N VAL B 130 -10.52 7.41 17.10
CA VAL B 130 -10.04 6.17 16.50
C VAL B 130 -10.48 6.11 15.04
N ARG B 131 -9.58 5.69 14.16
CA ARG B 131 -9.90 5.57 12.74
C ARG B 131 -9.49 4.21 12.18
N GLU B 132 -10.46 3.38 11.86
CA GLU B 132 -10.19 2.13 11.16
C GLU B 132 -10.19 2.37 9.66
N VAL B 133 -9.06 2.13 9.00
CA VAL B 133 -8.95 2.47 7.58
C VAL B 133 -8.31 1.35 6.77
N SER B 134 -8.63 1.35 5.48
CA SER B 134 -8.02 0.42 4.52
C SER B 134 -7.31 1.19 3.44
N ILE B 135 -6.12 0.76 3.04
CA ILE B 135 -5.39 1.51 2.01
C ILE B 135 -5.73 1.06 0.58
N GLY B 136 -6.59 0.06 0.43
CA GLY B 136 -6.91 -0.42 -0.91
C GLY B 136 -7.65 -1.74 -0.93
N ASP B 137 -8.22 -2.09 -2.08
CA ASP B 137 -9.07 -3.26 -2.15
C ASP B 137 -8.26 -4.49 -2.56
N TYR B 138 -7.39 -4.90 -1.66
CA TYR B 138 -6.55 -6.08 -1.82
C TYR B 138 -6.24 -6.54 -0.41
N VAL B 139 -5.74 -7.76 -0.28
CA VAL B 139 -5.51 -8.32 1.05
C VAL B 139 -4.01 -8.43 1.37
N LEU B 140 -3.63 -7.91 2.54
CA LEU B 140 -2.28 -8.02 3.04
C LEU B 140 -2.23 -9.05 4.16
N ASN B 141 -1.03 -9.34 4.65
CA ASN B 141 -0.92 -10.27 5.78
C ASN B 141 -0.97 -9.56 7.13
N GLY B 142 -0.95 -8.23 7.11
CA GLY B 142 -0.91 -7.48 8.34
C GLY B 142 -0.86 -6.00 8.08
N GLY B 143 -0.89 -5.21 9.15
CA GLY B 143 -1.00 -3.77 9.03
C GLY B 143 0.27 -3.01 8.68
N GLU B 144 1.41 -3.70 8.72
CA GLU B 144 2.68 -3.00 8.62
C GLU B 144 2.89 -2.28 7.29
N ALA B 145 2.65 -2.96 6.16
CA ALA B 145 2.81 -2.30 4.87
C ALA B 145 1.85 -1.13 4.75
N ALA B 146 0.65 -1.30 5.30
CA ALA B 146 -0.33 -0.22 5.27
C ALA B 146 0.18 0.97 6.10
N ALA B 147 0.79 0.70 7.25
CA ALA B 147 1.35 1.78 8.05
C ALA B 147 2.42 2.55 7.27
N LEU B 148 3.25 1.83 6.52
CA LEU B 148 4.28 2.51 5.73
C LEU B 148 3.66 3.44 4.68
N VAL B 149 2.59 2.98 4.04
CA VAL B 149 1.89 3.78 3.03
C VAL B 149 1.28 5.01 3.67
N ILE B 150 0.61 4.79 4.79
CA ILE B 150 -0.07 5.89 5.49
C ILE B 150 0.94 6.94 5.95
N ILE B 151 2.04 6.49 6.56
CA ILE B 151 3.05 7.41 7.02
C ILE B 151 3.61 8.22 5.86
N GLU B 152 3.90 7.56 4.74
CA GLU B 152 4.49 8.28 3.61
C GLU B 152 3.53 9.31 3.05
N ALA B 153 2.26 8.93 2.95
CA ALA B 153 1.27 9.82 2.34
C ALA B 153 1.01 11.02 3.25
N VAL B 154 1.05 10.80 4.56
CA VAL B 154 0.78 11.87 5.51
C VAL B 154 1.98 12.79 5.64
N LEU B 155 3.18 12.22 5.78
CA LEU B 155 4.34 13.03 6.09
C LEU B 155 4.70 14.00 4.99
N ARG B 156 4.39 13.67 3.75
CA ARG B 156 4.77 14.58 2.68
C ARG B 156 3.87 15.82 2.64
N LEU B 157 2.79 15.81 3.42
CA LEU B 157 1.87 16.94 3.51
C LEU B 157 2.04 17.79 4.77
N VAL B 158 2.86 17.33 5.71
CA VAL B 158 3.00 18.03 6.98
C VAL B 158 3.62 19.40 6.74
N PRO B 159 2.99 20.46 7.27
CA PRO B 159 3.45 21.83 7.01
C PRO B 159 4.93 21.99 7.28
N GLY B 160 5.67 22.48 6.29
CA GLY B 160 7.11 22.53 6.36
C GLY B 160 7.71 21.14 6.23
N SER B 179 -8.45 14.00 -8.15
CA SER B 179 -9.40 14.69 -9.02
C SER B 179 -9.30 14.18 -10.46
N LEU B 180 -8.11 14.29 -11.03
CA LEU B 180 -7.81 13.77 -12.36
C LEU B 180 -6.46 13.11 -12.32
N LEU B 181 -6.19 12.18 -13.24
CA LEU B 181 -4.90 11.49 -13.26
C LEU B 181 -3.88 12.31 -14.03
N GLU B 182 -2.64 12.31 -13.56
CA GLU B 182 -1.57 12.97 -14.27
C GLU B 182 -1.33 12.32 -15.63
N GLY B 183 -1.07 13.13 -16.63
CA GLY B 183 -0.67 12.63 -17.92
C GLY B 183 0.79 12.20 -17.91
N PRO B 184 1.29 11.83 -19.09
CA PRO B 184 2.68 11.35 -19.23
C PRO B 184 3.70 12.49 -19.13
N SER B 185 4.89 12.12 -18.68
CA SER B 185 6.02 13.04 -18.53
C SER B 185 7.17 12.58 -19.41
N TYR B 186 8.01 13.53 -19.81
CA TYR B 186 9.15 13.25 -20.70
C TYR B 186 10.34 14.09 -20.33
N THR B 187 11.54 13.59 -20.62
CA THR B 187 12.73 14.40 -20.48
C THR B 187 13.71 14.00 -21.58
N ARG B 188 14.93 14.52 -21.52
CA ARG B 188 15.88 14.36 -22.62
C ARG B 188 16.36 12.91 -22.77
N PRO B 189 16.71 12.48 -24.00
CA PRO B 189 16.75 13.20 -25.29
C PRO B 189 15.37 13.31 -25.94
N PRO B 190 15.23 14.26 -26.88
CA PRO B 190 13.91 14.45 -27.50
C PRO B 190 13.50 13.28 -28.41
N SER B 191 14.49 12.53 -28.89
CA SER B 191 14.24 11.30 -29.62
C SER B 191 15.02 10.18 -28.95
N TRP B 192 14.36 9.08 -28.62
CA TRP B 192 14.99 7.94 -27.93
C TRP B 192 14.45 6.63 -28.48
N ARG B 193 15.34 5.81 -29.03
CA ARG B 193 14.95 4.55 -29.67
C ARG B 193 13.90 4.77 -30.74
N GLY B 194 13.97 5.92 -31.42
CA GLY B 194 13.02 6.21 -32.48
C GLY B 194 11.66 6.66 -31.97
N MET B 195 11.57 6.93 -30.67
CA MET B 195 10.35 7.43 -30.04
C MET B 195 10.49 8.90 -29.67
N ASP B 196 9.62 9.74 -30.23
CA ASP B 196 9.74 11.18 -30.02
C ASP B 196 8.92 11.69 -28.85
N VAL B 197 9.50 12.63 -28.12
CA VAL B 197 8.72 13.44 -27.18
C VAL B 197 7.65 14.18 -27.99
N PRO B 198 6.41 14.20 -27.50
CA PRO B 198 5.37 14.95 -28.21
C PRO B 198 5.83 16.35 -28.57
N PRO B 199 5.77 16.70 -29.87
CA PRO B 199 6.32 17.95 -30.39
C PRO B 199 5.79 19.20 -29.68
N VAL B 200 4.55 19.18 -29.21
CA VAL B 200 4.00 20.32 -28.51
C VAL B 200 4.85 20.66 -27.27
N LEU B 201 5.43 19.64 -26.64
CA LEU B 201 6.18 19.85 -25.39
C LEU B 201 7.51 20.56 -25.67
N LEU B 202 7.91 20.58 -26.94
CA LEU B 202 9.13 21.24 -27.33
C LEU B 202 8.84 22.63 -27.87
N SER B 203 7.56 22.94 -28.04
CA SER B 203 7.16 24.15 -28.76
C SER B 203 7.34 25.44 -27.95
N GLY B 204 7.39 25.32 -26.63
CA GLY B 204 7.48 26.51 -25.79
C GLY B 204 6.18 27.30 -25.71
N ASP B 205 5.12 26.79 -26.32
CA ASP B 205 3.82 27.42 -26.27
C ASP B 205 3.07 26.96 -25.02
N HIS B 206 3.16 27.74 -23.94
CA HIS B 206 2.54 27.40 -22.67
C HIS B 206 1.07 27.01 -22.77
N ALA B 207 0.29 27.79 -23.51
CA ALA B 207 -1.13 27.51 -23.64
C ALA B 207 -1.36 26.18 -24.37
N LYS B 208 -0.63 25.94 -25.46
CA LYS B 208 -0.77 24.69 -26.20
C LYS B 208 -0.32 23.50 -25.34
N ILE B 209 0.74 23.72 -24.56
CA ILE B 209 1.26 22.69 -23.66
C ILE B 209 0.27 22.39 -22.53
N ALA B 210 -0.29 23.43 -21.95
CA ALA B 210 -1.32 23.26 -20.92
C ALA B 210 -2.51 22.48 -21.46
N ALA B 211 -2.94 22.82 -22.68
CA ALA B 211 -4.12 22.20 -23.26
C ALA B 211 -3.88 20.73 -23.58
N TRP B 212 -2.69 20.43 -24.09
CA TRP B 212 -2.34 19.06 -24.42
C TRP B 212 -2.28 18.19 -23.17
N ARG B 213 -1.67 18.74 -22.11
CA ARG B 213 -1.56 18.04 -20.85
C ARG B 213 -2.92 17.79 -20.22
N ALA B 214 -3.82 18.76 -20.37
CA ALA B 214 -5.18 18.61 -19.87
C ALA B 214 -5.88 17.48 -20.63
N GLU B 215 -5.71 17.46 -21.95
CA GLU B 215 -6.29 16.41 -22.79
C GLU B 215 -5.74 15.04 -22.42
N GLN B 216 -4.42 14.96 -22.23
CA GLN B 216 -3.81 13.68 -21.85
C GLN B 216 -4.36 13.20 -20.50
N SER B 217 -4.51 14.12 -19.56
CA SER B 217 -5.01 13.82 -18.23
CA SER B 217 -5.01 13.79 -18.23
C SER B 217 -6.45 13.30 -18.27
N ARG B 218 -7.30 14.04 -18.97
CA ARG B 218 -8.69 13.64 -19.03
C ARG B 218 -8.81 12.32 -19.82
N GLN B 219 -7.96 12.15 -20.83
CA GLN B 219 -7.91 10.90 -21.60
C GLN B 219 -7.48 9.70 -20.75
N ARG B 220 -6.46 9.89 -19.93
CA ARG B 220 -5.98 8.82 -19.09
C ARG B 220 -7.02 8.49 -18.02
N THR B 221 -7.70 9.52 -17.54
CA THR B 221 -8.67 9.32 -16.45
C THR B 221 -9.85 8.50 -16.94
N ILE B 222 -10.37 8.84 -18.11
CA ILE B 222 -11.47 8.08 -18.70
C ILE B 222 -11.11 6.60 -18.91
N GLU B 223 -9.88 6.35 -19.36
CA GLU B 223 -9.44 5.00 -19.66
C GLU B 223 -9.18 4.16 -18.41
N ARG B 224 -8.52 4.76 -17.43
CA ARG B 224 -8.03 4.02 -16.26
C ARG B 224 -8.88 4.16 -15.00
N ARG B 225 -9.48 5.33 -14.83
CA ARG B 225 -10.25 5.59 -13.62
C ARG B 225 -11.54 6.33 -13.94
N PRO B 226 -12.43 5.70 -14.73
CA PRO B 226 -13.65 6.40 -15.13
C PRO B 226 -14.53 6.78 -13.93
N ASP B 227 -14.39 6.06 -12.83
CA ASP B 227 -15.11 6.39 -11.62
C ASP B 227 -14.81 7.80 -11.12
N LEU B 228 -13.58 8.29 -11.33
CA LEU B 228 -13.24 9.64 -10.88
C LEU B 228 -14.03 10.73 -11.61
N LEU B 229 -14.54 10.41 -12.79
CA LEU B 229 -15.33 11.34 -13.58
C LEU B 229 -16.81 10.95 -13.52
N GLY B 230 -17.13 10.06 -12.59
CA GLY B 230 -18.53 9.67 -12.40
C GLY B 230 -19.10 8.72 -13.42
N PHE B 231 -18.26 7.83 -13.95
CA PHE B 231 -18.72 6.79 -14.86
C PHE B 231 -18.58 5.41 -14.24
N ASP B 232 -19.29 4.43 -14.80
CA ASP B 232 -19.18 3.04 -14.34
C ASP B 232 -17.76 2.51 -14.43
N SER B 233 -17.38 1.68 -13.47
CA SER B 233 -16.10 0.98 -13.51
C SER B 233 -16.22 -0.27 -14.39
N PRO B 234 -15.13 -0.59 -15.12
CA PRO B 234 -15.08 -1.70 -16.09
C PRO B 234 -15.69 -3.01 -15.59
S SO4 C . 3.41 -8.57 -26.15
O1 SO4 C . 3.25 -9.59 -27.17
O2 SO4 C . 3.78 -7.28 -26.79
O3 SO4 C . 4.42 -8.94 -25.18
O4 SO4 C . 2.13 -8.38 -25.44
S SO4 D . -5.55 -17.10 28.62
O1 SO4 D . -5.05 -15.80 28.17
O2 SO4 D . -6.34 -17.71 27.56
O3 SO4 D . -4.44 -17.96 28.97
O4 SO4 D . -6.41 -16.89 29.79
C10 JEH E . 3.94 7.90 -6.74
C13 JEH E . 5.05 5.84 -8.31
C15 JEH E . 6.90 7.68 -8.80
C20 JEH E . 4.38 11.34 -8.89
C21 JEH E . 3.41 12.20 -9.44
C22 JEH E . 2.77 13.16 -8.62
C26 JEH E . -0.56 14.64 -7.67
C28 JEH E . -1.80 13.95 -9.39
N01 JEH E . -1.19 5.06 -5.10
C02 JEH E . -0.04 5.84 -5.39
N03 JEH E . 0.18 7.13 -5.01
N04 JEH E . 1.40 7.49 -5.47
C05 JEH E . 1.98 6.47 -6.10
C06 JEH E . 1.08 5.42 -6.10
C07 JEH E . 1.20 4.02 -6.69
N08 JEH E . 1.25 2.97 -7.10
C09 JEH E . 3.33 6.63 -6.81
C11 JEH E . 5.15 8.13 -7.45
C12 JEH E . 5.70 7.11 -8.23
C14 JEH E . 3.85 5.61 -7.62
C16 JEH E . 7.01 9.00 -8.34
N17 JEH E . 5.97 9.25 -7.54
C18 JEH E . 5.75 10.50 -6.86
C19 JEH E . 4.70 11.42 -7.52
C23 JEH E . 1.69 14.09 -9.26
N24 JEH E . 1.50 15.26 -8.74
C25 JEH E . 0.80 15.29 -7.58
N27 JEH E . -1.28 14.98 -8.77
C29 JEH E . -3.17 14.35 -9.93
C30 JEH E . -1.87 12.66 -8.59
C31 JEH E . -0.69 15.80 -9.69
C32 JEH E . 0.82 16.04 -9.62
C33 JEH E . 3.10 13.21 -7.26
C34 JEH E . 4.06 12.34 -6.71
S SO4 F . -14.62 11.13 16.50
O1 SO4 F . -13.93 12.25 15.86
O2 SO4 F . -15.92 10.95 15.88
O3 SO4 F . -13.83 9.91 16.36
O4 SO4 F . -14.79 11.43 17.93
C10 JEH G . -4.64 -6.82 6.62
C13 JEH G . -4.33 -5.02 8.79
C15 JEH G . -4.08 -7.25 10.17
C20 JEH G . -6.95 -9.76 8.07
C21 JEH G . -8.27 -10.19 7.78
C22 JEH G . -8.51 -11.06 6.72
C26 JEH G . -12.23 -11.79 3.75
C28 JEH G . -12.70 -9.70 3.17
N01 JEH G . -5.88 -2.70 2.33
C02 JEH G . -5.56 -3.78 3.22
N03 JEH G . -5.53 -5.10 2.90
N04 JEH G . -5.20 -5.79 4.02
C05 JEH G . -4.98 -4.95 5.03
C06 JEH G . -5.24 -3.66 4.57
C07 JEH G . -5.16 -2.32 5.25
N08 JEH G . -5.11 -1.29 5.70
C09 JEH G . -4.66 -5.44 6.43
C11 JEH G . -4.43 -7.29 7.96
C12 JEH G . -4.28 -6.41 9.01
C14 JEH G . -4.54 -4.55 7.50
C16 JEH G . -4.13 -8.58 9.74
N17 JEH G . -4.35 -8.59 8.42
C18 JEH G . -4.43 -9.75 7.58
C19 JEH G . -5.89 -10.20 7.28
C23 JEH G . -9.99 -11.53 6.46
N24 JEH G . -10.35 -11.50 5.23
C25 JEH G . -11.66 -11.84 5.16
N27 JEH G . -11.87 -10.69 3.02
C29 JEH G . -12.24 -8.44 2.45
C30 JEH G . -14.10 -10.09 2.72
C31 JEH G . -10.57 -10.33 3.18
C32 JEH G . -10.16 -10.29 4.65
C33 JEH G . -7.43 -11.52 5.94
C34 JEH G . -6.11 -11.08 6.22
#